data_8S9Z
#
_entry.id   8S9Z
#
_cell.length_a   54.267
_cell.length_b   82.318
_cell.length_c   86.441
_cell.angle_alpha   90.000
_cell.angle_beta   96.170
_cell.angle_gamma   90.000
#
_symmetry.space_group_name_H-M   'I 1 2 1'
#
loop_
_entity.id
_entity.type
_entity.pdbx_description
1 polymer '3C-like proteinase nsp5'
2 polymer 'Mpro inhibitor'
3 water water
#
loop_
_entity_poly.entity_id
_entity_poly.type
_entity_poly.pdbx_seq_one_letter_code
_entity_poly.pdbx_strand_id
1 'polypeptide(L)'
;SGFRKMAFPSGKVEGCMVQVTCGTTTLNGLWLDDVVYCPRHVICTSEDMLNPNYEDLLIRKSNHNFLVQAGNVQLRVIGH
SMQNCVLKLKVDTANPKTPKYKFVRIQPGQTFSVLACYNGSPSGVYQCAMRPNFTIKGSFLNGSCGSVGFNIDYDCVSFC
YMHHMELPTGVHAGTDLEGNFYGPFVDRQTAQAAGTDTTITVNVLAWLYAAVINGDRWFLNRFTTTLNDFNLVAMKYNYE
PLTQDHVDILGPLSAQTGIAVLDMCASLKELLQNGMNGRTILGSALLEDEFTPFDVVRQCSGVTFQ
;
A
2 'polypeptide(L)' (P6S)(ZU0)F(ZV7)(NH2) B
#
loop_
_chem_comp.id
_chem_comp.type
_chem_comp.name
_chem_comp.formula
NH2 non-polymer 'AMINO GROUP' 'H2 N'
P6S non-polymer 'benzyl hydrogen carbonate' 'C8 H8 O3'
ZV7 non-polymer 2-chloro-N-(3-oxopropyl)acetohydrazide 'C5 H9 Cl N2 O2'
#
# COMPACT_ATOMS: atom_id res chain seq x y z
N SER A 1 -22.42 3.08 -13.07
CA SER A 1 -22.57 3.22 -11.63
C SER A 1 -21.99 2.02 -10.89
N GLY A 2 -22.09 2.05 -9.55
CA GLY A 2 -21.39 1.12 -8.69
C GLY A 2 -20.08 1.69 -8.18
N PHE A 3 -19.60 1.14 -7.08
CA PHE A 3 -18.34 1.60 -6.50
C PHE A 3 -17.72 0.42 -5.77
N ARG A 4 -16.55 0.00 -6.24
CA ARG A 4 -15.90 -1.19 -5.75
C ARG A 4 -14.51 -0.85 -5.28
N LYS A 5 -13.95 -1.71 -4.42
CA LYS A 5 -12.55 -1.55 -4.08
C LYS A 5 -11.77 -2.10 -5.27
N MET A 6 -11.27 -1.18 -6.08
CA MET A 6 -10.74 -1.46 -7.41
C MET A 6 -9.23 -1.42 -7.35
N ALA A 7 -8.59 -2.50 -7.77
CA ALA A 7 -7.14 -2.53 -7.90
C ALA A 7 -6.76 -2.23 -9.34
N PHE A 8 -5.49 -1.88 -9.55
CA PHE A 8 -4.97 -1.76 -10.91
C PHE A 8 -4.80 -3.13 -11.55
N PRO A 9 -4.97 -3.23 -12.86
CA PRO A 9 -4.61 -4.45 -13.57
C PRO A 9 -3.17 -4.83 -13.22
N SER A 10 -2.96 -6.10 -12.88
CA SER A 10 -1.71 -6.53 -12.26
C SER A 10 -0.73 -7.14 -13.24
N GLY A 11 -1.07 -7.24 -14.52
CA GLY A 11 -0.25 -7.99 -15.46
C GLY A 11 1.16 -7.47 -15.60
N LYS A 12 1.32 -6.14 -15.62
CA LYS A 12 2.66 -5.57 -15.75
C LYS A 12 3.54 -5.94 -14.57
N VAL A 13 2.96 -6.18 -13.40
CA VAL A 13 3.76 -6.59 -12.24
C VAL A 13 3.95 -8.10 -12.22
N GLU A 14 2.93 -8.86 -12.62
CA GLU A 14 3.05 -10.31 -12.62
C GLU A 14 4.29 -10.75 -13.37
N GLY A 15 4.56 -10.10 -14.50
CA GLY A 15 5.70 -10.44 -15.33
C GLY A 15 7.04 -10.15 -14.70
N CYS A 16 7.05 -9.53 -13.54
CA CYS A 16 8.26 -9.23 -12.80
C CYS A 16 8.49 -10.10 -11.59
N MET A 17 7.54 -10.94 -11.19
CA MET A 17 7.74 -11.65 -9.93
C MET A 17 8.58 -12.90 -10.13
N VAL A 18 9.53 -13.10 -9.21
CA VAL A 18 10.42 -14.25 -9.19
C VAL A 18 10.51 -14.79 -7.77
N GLN A 19 11.13 -15.96 -7.67
CA GLN A 19 11.37 -16.67 -6.43
C GLN A 19 12.84 -16.48 -6.09
N VAL A 20 13.15 -16.03 -4.87
CA VAL A 20 14.52 -15.92 -4.42
C VAL A 20 14.75 -16.90 -3.28
N THR A 21 15.81 -17.71 -3.39
CA THR A 21 16.11 -18.69 -2.37
C THR A 21 17.56 -18.53 -1.92
N CYS A 22 17.75 -18.40 -0.61
CA CYS A 22 19.08 -18.40 -0.02
C CYS A 22 19.05 -19.35 1.16
N GLY A 23 19.89 -20.36 1.13
CA GLY A 23 19.88 -21.40 2.15
C GLY A 23 18.52 -22.05 2.27
N THR A 24 17.92 -21.93 3.45
CA THR A 24 16.63 -22.53 3.76
C THR A 24 15.47 -21.57 3.58
N THR A 25 15.72 -20.32 3.17
CA THR A 25 14.70 -19.30 3.08
C THR A 25 14.33 -19.03 1.63
N THR A 26 13.03 -19.01 1.35
CA THR A 26 12.50 -18.73 0.01
C THR A 26 11.48 -17.62 0.13
N LEU A 27 11.57 -16.64 -0.75
CA LEU A 27 10.61 -15.55 -0.75
C LEU A 27 10.51 -14.99 -2.16
N ASN A 28 9.78 -13.89 -2.31
CA ASN A 28 9.53 -13.30 -3.62
C ASN A 28 10.52 -12.17 -3.91
N GLY A 29 10.85 -12.02 -5.18
CA GLY A 29 11.65 -10.90 -5.63
C GLY A 29 10.99 -10.22 -6.80
N LEU A 30 11.44 -9.00 -7.08
CA LEU A 30 10.91 -8.18 -8.16
C LEU A 30 12.02 -8.00 -9.17
N TRP A 31 11.78 -8.46 -10.40
CA TRP A 31 12.82 -8.56 -11.44
C TRP A 31 12.57 -7.44 -12.44
N LEU A 32 13.40 -6.41 -12.40
CA LEU A 32 13.32 -5.26 -13.30
C LEU A 32 14.66 -5.09 -13.98
N ASP A 33 14.66 -5.05 -15.31
CA ASP A 33 15.90 -5.09 -16.10
C ASP A 33 16.73 -6.24 -15.55
N ASP A 34 18.01 -6.04 -15.21
CA ASP A 34 18.84 -7.15 -14.76
C ASP A 34 19.06 -7.16 -13.25
N VAL A 35 18.12 -6.62 -12.47
CA VAL A 35 18.25 -6.57 -11.03
C VAL A 35 17.01 -7.22 -10.41
N VAL A 36 17.22 -8.00 -9.36
CA VAL A 36 16.15 -8.62 -8.59
C VAL A 36 16.15 -8.00 -7.20
N TYR A 37 15.03 -7.40 -6.82
CA TYR A 37 14.91 -6.73 -5.53
C TYR A 37 14.15 -7.66 -4.60
N CYS A 38 14.63 -7.81 -3.37
CA CYS A 38 13.94 -8.67 -2.42
C CYS A 38 14.31 -8.24 -1.01
N PRO A 39 13.51 -8.63 -0.01
CA PRO A 39 13.84 -8.28 1.38
C PRO A 39 15.18 -8.87 1.77
N ARG A 40 15.98 -8.07 2.47
CA ARG A 40 17.29 -8.57 2.86
C ARG A 40 17.21 -9.73 3.85
N HIS A 41 16.09 -9.91 4.55
CA HIS A 41 16.08 -11.02 5.50
C HIS A 41 16.03 -12.43 4.81
N VAL A 42 16.11 -12.48 3.47
CA VAL A 42 16.30 -13.76 2.79
C VAL A 42 17.61 -14.43 3.22
N ILE A 43 18.59 -13.64 3.69
CA ILE A 43 19.86 -14.23 4.11
C ILE A 43 19.84 -14.67 5.56
N CYS A 44 18.70 -14.54 6.23
CA CYS A 44 18.57 -14.86 7.64
C CYS A 44 18.28 -16.33 7.84
N THR A 45 18.87 -16.91 8.88
CA THR A 45 18.55 -18.26 9.31
C THR A 45 17.61 -18.19 10.50
N SER A 46 16.88 -19.29 10.71
CA SER A 46 15.89 -19.34 11.78
C SER A 46 16.50 -18.96 13.13
N GLU A 47 17.81 -19.17 13.31
CA GLU A 47 18.48 -18.79 14.54
C GLU A 47 19.03 -17.36 14.48
N ASP A 48 19.01 -16.69 13.33
CA ASP A 48 19.51 -15.33 13.22
C ASP A 48 18.40 -14.30 13.06
N MET A 49 17.14 -14.69 13.28
CA MET A 49 16.04 -13.75 13.16
C MET A 49 15.89 -12.82 14.37
N LEU A 50 16.41 -13.20 15.54
CA LEU A 50 16.15 -12.41 16.75
C LEU A 50 16.81 -11.02 16.66
N ASN A 51 18.11 -10.95 16.34
CA ASN A 51 18.79 -9.65 16.17
C ASN A 51 19.92 -9.79 15.18
N PRO A 52 19.64 -9.94 13.89
CA PRO A 52 20.69 -10.19 12.90
C PRO A 52 21.49 -8.94 12.57
N ASN A 53 22.79 -9.13 12.33
CA ASN A 53 23.62 -8.07 11.77
C ASN A 53 23.81 -8.38 10.29
N TYR A 54 23.07 -7.66 9.44
CA TYR A 54 22.96 -8.05 8.05
C TYR A 54 24.25 -7.86 7.28
N GLU A 55 25.03 -6.82 7.60
CA GLU A 55 26.31 -6.63 6.93
C GLU A 55 27.22 -7.82 7.17
N ASP A 56 27.27 -8.29 8.41
CA ASP A 56 28.06 -9.47 8.75
C ASP A 56 27.51 -10.72 8.07
N LEU A 57 26.18 -10.84 7.99
CA LEU A 57 25.60 -12.03 7.35
C LEU A 57 25.88 -12.03 5.85
N LEU A 58 25.88 -10.87 5.22
CA LEU A 58 25.94 -10.80 3.76
C LEU A 58 27.36 -10.94 3.23
N ILE A 59 28.35 -10.40 3.94
CA ILE A 59 29.74 -10.58 3.50
C ILE A 59 30.15 -12.05 3.50
N ARG A 60 29.43 -12.89 4.24
CA ARG A 60 29.64 -14.33 4.27
C ARG A 60 28.97 -15.04 3.11
N LYS A 61 28.21 -14.32 2.28
CA LYS A 61 27.51 -14.94 1.17
C LYS A 61 28.31 -14.72 -0.11
N SER A 62 28.19 -15.65 -1.04
CA SER A 62 28.67 -15.50 -2.40
C SER A 62 27.49 -15.30 -3.34
N ASN A 63 27.79 -14.93 -4.60
CA ASN A 63 26.75 -14.84 -5.61
C ASN A 63 25.99 -16.16 -5.76
N HIS A 64 26.70 -17.29 -5.75
CA HIS A 64 26.07 -18.57 -5.99
C HIS A 64 25.27 -19.09 -4.80
N ASN A 65 25.27 -18.36 -3.68
CA ASN A 65 24.40 -18.73 -2.57
C ASN A 65 22.97 -18.28 -2.79
N PHE A 66 22.70 -17.54 -3.87
CA PHE A 66 21.38 -17.01 -4.17
C PHE A 66 20.80 -17.71 -5.40
N LEU A 67 19.68 -18.41 -5.22
CA LEU A 67 18.95 -19.03 -6.30
C LEU A 67 17.77 -18.13 -6.69
N VAL A 68 17.76 -17.66 -7.92
CA VAL A 68 16.66 -16.86 -8.45
C VAL A 68 15.99 -17.66 -9.56
N GLN A 69 14.70 -17.92 -9.39
CA GLN A 69 13.91 -18.71 -10.33
C GLN A 69 12.79 -17.84 -10.89
N ALA A 70 12.75 -17.71 -12.21
CA ALA A 70 11.71 -16.96 -12.90
C ALA A 70 10.94 -17.96 -13.77
N GLY A 71 9.75 -18.34 -13.33
CA GLY A 71 9.06 -19.45 -13.99
C GLY A 71 9.82 -20.74 -13.74
N ASN A 72 10.03 -21.51 -14.80
CA ASN A 72 10.87 -22.70 -14.75
C ASN A 72 12.25 -22.42 -15.36
N VAL A 73 12.75 -21.21 -15.15
CA VAL A 73 14.04 -20.79 -15.68
C VAL A 73 14.87 -20.27 -14.52
N GLN A 74 16.11 -20.74 -14.42
CA GLN A 74 16.98 -20.26 -13.36
C GLN A 74 17.83 -19.10 -13.87
N LEU A 75 17.81 -18.01 -13.12
CA LEU A 75 18.60 -16.82 -13.41
C LEU A 75 19.88 -16.88 -12.59
N ARG A 76 21.00 -16.54 -13.22
CA ARG A 76 22.29 -16.59 -12.55
C ARG A 76 22.60 -15.24 -11.93
N VAL A 77 22.93 -15.26 -10.64
CA VAL A 77 23.28 -14.04 -9.91
C VAL A 77 24.74 -13.73 -10.16
N ILE A 78 25.02 -12.50 -10.60
CA ILE A 78 26.36 -12.06 -10.94
C ILE A 78 26.81 -10.88 -10.10
N GLY A 79 25.98 -10.40 -9.19
CA GLY A 79 26.38 -9.38 -8.23
C GLY A 79 25.31 -9.28 -7.17
N HIS A 80 25.69 -8.71 -6.02
CA HIS A 80 24.68 -8.44 -5.00
C HIS A 80 25.12 -7.25 -4.18
N SER A 81 24.13 -6.48 -3.71
CA SER A 81 24.43 -5.41 -2.78
C SER A 81 23.19 -5.14 -1.96
N MET A 82 23.41 -4.61 -0.77
CA MET A 82 22.31 -4.30 0.12
C MET A 82 22.09 -2.80 0.13
N GLN A 83 20.84 -2.39 -0.03
CA GLN A 83 20.42 -1.00 0.08
C GLN A 83 19.34 -0.92 1.15
N ASN A 84 19.68 -0.33 2.30
CA ASN A 84 18.73 -0.29 3.42
C ASN A 84 18.25 -1.71 3.71
N CYS A 85 16.94 -1.96 3.69
CA CYS A 85 16.45 -3.30 4.01
C CYS A 85 16.15 -4.17 2.80
N VAL A 86 16.61 -3.79 1.60
CA VAL A 86 16.39 -4.62 0.43
C VAL A 86 17.74 -5.10 -0.09
N LEU A 87 17.72 -6.26 -0.68
CA LEU A 87 18.89 -6.82 -1.33
C LEU A 87 18.66 -6.64 -2.82
N LYS A 88 19.73 -6.29 -3.54
CA LYS A 88 19.66 -6.12 -4.99
C LYS A 88 20.60 -7.14 -5.61
N LEU A 89 20.02 -8.09 -6.32
CA LEU A 89 20.77 -9.17 -6.95
C LEU A 89 20.92 -8.84 -8.42
N LYS A 90 22.15 -8.63 -8.86
CA LYS A 90 22.42 -8.47 -10.28
C LYS A 90 22.37 -9.85 -10.92
N VAL A 91 21.57 -9.98 -11.97
CA VAL A 91 21.46 -11.25 -12.70
C VAL A 91 21.97 -11.03 -14.12
N ASP A 92 22.29 -12.13 -14.80
CA ASP A 92 22.89 -11.98 -16.12
C ASP A 92 21.88 -11.80 -17.24
N THR A 93 20.58 -11.79 -16.93
CA THR A 93 19.54 -11.62 -17.93
C THR A 93 18.63 -10.47 -17.54
N ALA A 94 18.37 -9.56 -18.46
CA ALA A 94 17.40 -8.51 -18.21
C ALA A 94 16.01 -9.07 -18.46
N ASN A 95 15.06 -8.70 -17.62
CA ASN A 95 13.69 -9.16 -17.75
C ASN A 95 13.07 -8.55 -19.00
N PRO A 96 12.72 -9.35 -20.01
CA PRO A 96 12.12 -8.77 -21.23
C PRO A 96 10.74 -8.20 -21.01
N LYS A 97 10.10 -8.53 -19.89
CA LYS A 97 8.78 -8.03 -19.55
C LYS A 97 8.84 -6.83 -18.61
N THR A 98 10.00 -6.22 -18.45
CA THR A 98 10.12 -5.05 -17.60
C THR A 98 9.20 -3.95 -18.12
N PRO A 99 8.21 -3.50 -17.35
CA PRO A 99 7.40 -2.36 -17.77
C PRO A 99 8.17 -1.05 -17.58
N LYS A 100 7.62 0.04 -18.13
CA LYS A 100 8.09 1.33 -17.68
C LYS A 100 7.73 1.45 -16.21
N TYR A 101 8.66 1.95 -15.41
CA TYR A 101 8.42 1.92 -13.97
C TYR A 101 9.19 3.03 -13.28
N LYS A 102 8.74 3.33 -12.06
CA LYS A 102 9.45 4.18 -11.12
C LYS A 102 9.32 3.56 -9.73
N PHE A 103 10.20 3.99 -8.84
CA PHE A 103 10.06 3.72 -7.41
C PHE A 103 9.58 4.99 -6.73
N VAL A 104 8.54 4.88 -5.90
CA VAL A 104 7.95 6.04 -5.24
C VAL A 104 7.73 5.70 -3.78
N ARG A 105 8.10 6.62 -2.90
CA ARG A 105 7.77 6.51 -1.49
C ARG A 105 6.50 7.33 -1.25
N ILE A 106 5.44 6.68 -0.79
CA ILE A 106 4.15 7.35 -0.68
C ILE A 106 3.97 7.89 0.73
N GLN A 107 3.05 8.81 0.86
CA GLN A 107 2.56 9.44 2.06
C GLN A 107 1.47 8.57 2.69
N PRO A 108 1.33 8.54 4.00
CA PRO A 108 0.20 7.85 4.61
C PRO A 108 -1.11 8.46 4.10
N GLY A 109 -2.14 7.61 4.00
CA GLY A 109 -3.39 7.97 3.36
C GLY A 109 -3.46 7.61 1.90
N GLN A 110 -2.33 7.34 1.28
CA GLN A 110 -2.35 6.96 -0.12
C GLN A 110 -2.66 5.48 -0.27
N THR A 111 -3.30 5.14 -1.36
CA THR A 111 -3.72 3.78 -1.61
C THR A 111 -2.81 3.14 -2.65
N PHE A 112 -2.87 1.82 -2.71
CA PHE A 112 -2.11 1.10 -3.73
C PHE A 112 -2.66 -0.32 -3.85
N SER A 113 -2.31 -0.96 -4.95
CA SER A 113 -2.68 -2.33 -5.21
C SER A 113 -1.56 -3.22 -4.74
N VAL A 114 -1.90 -4.39 -4.22
CA VAL A 114 -0.92 -5.34 -3.74
C VAL A 114 -1.11 -6.61 -4.55
N LEU A 115 -0.02 -7.15 -5.09
CA LEU A 115 -0.05 -8.42 -5.79
C LEU A 115 0.56 -9.44 -4.83
N ALA A 116 -0.30 -10.15 -4.12
CA ALA A 116 0.16 -11.13 -3.15
C ALA A 116 0.76 -12.32 -3.90
N CYS A 117 1.97 -12.72 -3.51
CA CYS A 117 2.70 -13.76 -4.19
C CYS A 117 3.26 -14.75 -3.18
N TYR A 118 3.46 -15.97 -3.67
CA TYR A 118 4.07 -17.07 -2.92
C TYR A 118 4.94 -17.85 -3.89
N ASN A 119 6.21 -18.05 -3.53
CA ASN A 119 7.16 -18.77 -4.37
C ASN A 119 7.29 -18.15 -5.77
N GLY A 120 7.20 -16.82 -5.84
CA GLY A 120 7.26 -16.11 -7.10
C GLY A 120 6.03 -16.23 -7.97
N SER A 121 4.93 -16.78 -7.45
CA SER A 121 3.72 -17.00 -8.23
C SER A 121 2.60 -16.13 -7.69
N PRO A 122 2.08 -15.21 -8.49
CA PRO A 122 0.98 -14.35 -8.02
C PRO A 122 -0.24 -15.14 -7.59
N SER A 123 -0.82 -14.74 -6.45
CA SER A 123 -1.97 -15.39 -5.85
C SER A 123 -3.26 -14.58 -5.95
N GLY A 124 -3.18 -13.28 -5.83
CA GLY A 124 -4.36 -12.42 -5.86
C GLY A 124 -3.93 -10.96 -5.85
N VAL A 125 -4.89 -10.09 -6.16
CA VAL A 125 -4.65 -8.65 -6.18
C VAL A 125 -5.74 -7.99 -5.35
N TYR A 126 -5.34 -7.01 -4.54
CA TYR A 126 -6.31 -6.25 -3.75
C TYR A 126 -5.76 -4.85 -3.51
N GLN A 127 -6.64 -3.99 -3.06
CA GLN A 127 -6.32 -2.59 -2.84
C GLN A 127 -6.10 -2.34 -1.36
N CYS A 128 -5.13 -1.49 -1.04
CA CYS A 128 -4.66 -1.22 0.30
C CYS A 128 -4.51 0.29 0.45
N ALA A 129 -4.51 0.79 1.68
CA ALA A 129 -4.01 2.13 1.94
C ALA A 129 -2.85 2.06 2.94
N MET A 130 -1.94 3.01 2.82
CA MET A 130 -0.96 3.16 3.88
C MET A 130 -1.67 3.87 5.03
N ARG A 131 -1.70 3.21 6.17
CA ARG A 131 -2.42 3.80 7.30
C ARG A 131 -1.61 4.97 7.86
N PRO A 132 -2.26 5.84 8.65
CA PRO A 132 -1.51 6.95 9.27
C PRO A 132 -0.40 6.47 10.19
N ASN A 133 -0.52 5.25 10.76
CA ASN A 133 0.55 4.69 11.56
C ASN A 133 1.53 3.87 10.74
N PHE A 134 1.48 3.96 9.40
CA PHE A 134 2.46 3.34 8.49
C PHE A 134 2.46 1.81 8.54
N THR A 135 1.36 1.22 8.92
CA THR A 135 1.10 -0.18 8.62
C THR A 135 0.14 -0.22 7.46
N ILE A 136 -0.07 -1.40 6.94
CA ILE A 136 -1.17 -1.63 6.01
C ILE A 136 -1.98 -2.83 6.49
N LYS A 137 -3.28 -2.80 6.22
CA LYS A 137 -4.14 -3.92 6.58
C LYS A 137 -4.21 -4.82 5.35
N GLY A 138 -3.16 -5.61 5.19
CA GLY A 138 -3.05 -6.51 4.06
C GLY A 138 -3.69 -7.85 4.33
N SER A 139 -3.41 -8.78 3.44
CA SER A 139 -3.81 -10.18 3.55
C SER A 139 -2.59 -10.97 3.06
N PHE A 140 -1.84 -11.50 4.01
CA PHE A 140 -0.52 -12.07 3.73
C PHE A 140 -0.30 -13.30 4.60
N LEU A 141 0.31 -14.32 4.02
CA LEU A 141 0.63 -15.54 4.75
C LEU A 141 2.13 -15.78 4.71
N ASN A 142 2.58 -16.82 5.41
CA ASN A 142 4.00 -17.14 5.36
C ASN A 142 4.41 -17.33 3.90
N GLY A 143 5.56 -16.80 3.53
CA GLY A 143 6.03 -16.84 2.16
C GLY A 143 5.67 -15.65 1.32
N SER A 144 4.88 -14.70 1.84
CA SER A 144 4.45 -13.57 1.04
C SER A 144 5.47 -12.44 0.98
N CYS A 145 6.51 -12.48 1.83
CA CYS A 145 7.47 -11.39 1.86
C CYS A 145 8.07 -11.20 0.47
N GLY A 146 8.30 -9.94 0.13
CA GLY A 146 8.71 -9.56 -1.21
C GLY A 146 7.58 -9.28 -2.18
N SER A 147 6.34 -9.59 -1.83
CA SER A 147 5.21 -9.14 -2.64
C SER A 147 5.20 -7.62 -2.63
N VAL A 148 4.78 -7.02 -3.74
CA VAL A 148 4.92 -5.57 -3.89
C VAL A 148 3.57 -4.91 -4.03
N GLY A 149 3.58 -3.63 -3.69
CA GLY A 149 2.43 -2.77 -3.92
C GLY A 149 2.77 -1.68 -4.92
N PHE A 150 1.76 -1.22 -5.64
CA PHE A 150 2.02 -0.39 -6.79
C PHE A 150 0.76 0.39 -7.16
N ASN A 151 0.99 1.48 -7.88
CA ASN A 151 0.00 2.21 -8.66
C ASN A 151 0.42 2.20 -10.11
N ILE A 152 -0.54 2.36 -11.01
CA ILE A 152 -0.20 2.46 -12.43
C ILE A 152 -0.75 3.76 -12.97
N ASP A 153 0.10 4.48 -13.72
CA ASP A 153 -0.18 5.81 -14.26
C ASP A 153 0.12 5.75 -15.75
N TYR A 154 -0.92 5.93 -16.57
CA TYR A 154 -0.92 5.53 -17.97
C TYR A 154 -0.21 4.19 -18.15
N ASP A 155 1.05 4.22 -18.60
CA ASP A 155 1.79 3.00 -18.89
C ASP A 155 2.89 2.72 -17.88
N CYS A 156 3.00 3.51 -16.82
CA CYS A 156 4.13 3.47 -15.91
C CYS A 156 3.71 2.86 -14.59
N VAL A 157 4.45 1.85 -14.13
CA VAL A 157 4.18 1.24 -12.83
C VAL A 157 5.02 1.94 -11.78
N SER A 158 4.37 2.56 -10.80
CA SER A 158 5.07 3.15 -9.66
C SER A 158 4.99 2.15 -8.52
N PHE A 159 6.10 1.46 -8.26
CA PHE A 159 6.19 0.57 -7.13
C PHE A 159 6.40 1.42 -5.89
N CYS A 160 5.60 1.15 -4.84
CA CYS A 160 5.70 1.92 -3.62
C CYS A 160 5.85 1.08 -2.37
N TYR A 161 5.71 -0.23 -2.45
CA TYR A 161 5.68 -1.06 -1.26
C TYR A 161 6.29 -2.42 -1.54
N MET A 162 7.15 -2.90 -0.62
CA MET A 162 7.50 -4.30 -0.64
C MET A 162 7.23 -4.89 0.74
N HIS A 163 6.54 -6.02 0.75
CA HIS A 163 6.13 -6.63 2.01
C HIS A 163 7.30 -7.26 2.74
N HIS A 164 7.40 -6.99 4.04
CA HIS A 164 8.42 -7.60 4.90
C HIS A 164 7.85 -8.42 6.06
N MET A 165 6.88 -7.90 6.82
CA MET A 165 6.55 -8.63 8.03
C MET A 165 5.12 -8.38 8.47
N GLU A 166 4.65 -9.27 9.34
CA GLU A 166 3.35 -9.14 10.00
C GLU A 166 3.59 -8.79 11.46
N LEU A 167 2.85 -7.80 11.96
CA LEU A 167 2.88 -7.37 13.34
C LEU A 167 1.92 -8.20 14.17
N PRO A 168 2.09 -8.21 15.50
CA PRO A 168 1.22 -9.04 16.35
C PRO A 168 -0.27 -8.79 16.18
N THR A 169 -0.69 -7.57 15.85
CA THR A 169 -2.11 -7.29 15.64
C THR A 169 -2.59 -7.74 14.26
N GLY A 170 -1.75 -8.42 13.48
CA GLY A 170 -2.22 -8.92 12.21
C GLY A 170 -2.18 -7.92 11.08
N VAL A 171 -1.63 -6.72 11.31
CA VAL A 171 -1.40 -5.76 10.25
C VAL A 171 0.04 -5.96 9.78
N HIS A 172 0.44 -5.20 8.79
CA HIS A 172 1.62 -5.55 8.01
C HIS A 172 2.54 -4.36 7.85
N ALA A 173 3.84 -4.64 7.76
CA ALA A 173 4.84 -3.58 7.63
C ALA A 173 5.83 -3.97 6.55
N GLY A 174 6.33 -2.96 5.86
CA GLY A 174 7.26 -3.20 4.78
C GLY A 174 7.94 -1.91 4.39
N THR A 175 8.55 -1.92 3.21
CA THR A 175 9.46 -0.87 2.82
C THR A 175 9.01 -0.28 1.51
N ASP A 176 9.60 0.86 1.15
CA ASP A 176 9.57 1.31 -0.23
C ASP A 176 10.53 0.41 -1.03
N LEU A 177 10.63 0.64 -2.32
CA LEU A 177 11.46 -0.29 -3.09
C LEU A 177 12.95 0.00 -2.97
N GLU A 178 13.33 1.11 -2.32
CA GLU A 178 14.72 1.33 -1.94
C GLU A 178 15.06 0.75 -0.58
N GLY A 179 14.13 0.07 0.07
CA GLY A 179 14.43 -0.62 1.31
C GLY A 179 14.23 0.17 2.58
N ASN A 180 13.58 1.33 2.52
CA ASN A 180 13.32 2.09 3.75
C ASN A 180 11.94 1.70 4.27
N PHE A 181 11.85 1.27 5.53
CA PHE A 181 10.56 0.96 6.11
C PHE A 181 9.67 2.18 6.12
N TYR A 182 8.39 1.95 5.91
CA TYR A 182 7.35 2.86 6.32
C TYR A 182 7.15 2.69 7.81
N GLY A 183 7.18 3.81 8.54
CA GLY A 183 7.09 3.83 9.99
C GLY A 183 8.38 3.47 10.70
N PRO A 184 8.27 3.23 11.99
CA PRO A 184 9.45 3.04 12.85
C PRO A 184 9.98 1.61 12.87
N PHE A 185 9.47 0.73 12.03
CA PHE A 185 9.71 -0.70 12.14
C PHE A 185 11.09 -1.06 11.61
N VAL A 186 11.65 -2.13 12.18
CA VAL A 186 12.94 -2.67 11.80
C VAL A 186 12.78 -4.14 11.47
N ASP A 187 13.65 -4.67 10.60
CA ASP A 187 13.50 -6.06 10.18
C ASP A 187 14.29 -6.98 11.12
N ARG A 188 13.76 -7.09 12.33
CA ARG A 188 14.21 -8.06 13.32
C ARG A 188 12.99 -8.51 14.10
N GLN A 189 13.04 -9.74 14.60
CA GLN A 189 11.87 -10.35 15.24
C GLN A 189 11.91 -10.07 16.74
N THR A 190 11.72 -8.79 17.05
CA THR A 190 11.67 -8.28 18.42
C THR A 190 10.36 -7.53 18.62
N ALA A 191 10.05 -7.27 19.89
CA ALA A 191 8.80 -6.62 20.26
C ALA A 191 8.63 -5.32 19.51
N GLN A 192 7.64 -5.28 18.62
CA GLN A 192 7.28 -4.08 17.90
C GLN A 192 5.77 -3.99 17.82
N ALA A 193 5.25 -2.77 17.87
CA ALA A 193 3.81 -2.55 17.81
C ALA A 193 3.50 -1.39 16.88
N ALA A 194 2.30 -1.45 16.29
CA ALA A 194 1.92 -0.51 15.25
C ALA A 194 1.89 0.94 15.74
N GLY A 195 1.40 1.17 16.94
CA GLY A 195 1.11 2.57 17.28
C GLY A 195 -0.29 2.98 16.86
N THR A 196 -0.89 3.88 17.65
CA THR A 196 -2.31 4.18 17.47
C THR A 196 -2.60 4.70 16.07
N ASP A 197 -3.59 4.09 15.42
CA ASP A 197 -4.02 4.48 14.09
C ASP A 197 -5.17 5.47 14.18
N THR A 198 -5.42 6.14 13.05
CA THR A 198 -6.49 7.12 12.94
C THR A 198 -7.16 6.94 11.59
N THR A 199 -8.35 7.53 11.46
CA THR A 199 -9.12 7.41 10.24
C THR A 199 -8.69 8.52 9.27
N ILE A 200 -8.60 8.16 7.99
CA ILE A 200 -8.06 9.09 7.00
C ILE A 200 -9.19 9.99 6.54
N THR A 201 -9.27 11.17 7.18
CA THR A 201 -10.45 12.03 7.03
C THR A 201 -10.66 12.44 5.58
N VAL A 202 -9.59 12.82 4.88
CA VAL A 202 -9.79 13.31 3.52
C VAL A 202 -10.34 12.20 2.64
N ASN A 203 -9.99 10.94 2.94
CA ASN A 203 -10.47 9.83 2.14
C ASN A 203 -11.94 9.54 2.42
N VAL A 204 -12.36 9.67 3.67
CA VAL A 204 -13.77 9.48 3.96
C VAL A 204 -14.60 10.50 3.21
N LEU A 205 -14.12 11.74 3.18
CA LEU A 205 -14.82 12.79 2.44
C LEU A 205 -14.89 12.45 0.96
N ALA A 206 -13.78 11.99 0.38
CA ALA A 206 -13.83 11.61 -1.03
C ALA A 206 -14.89 10.55 -1.29
N TRP A 207 -15.02 9.60 -0.37
CA TRP A 207 -15.96 8.49 -0.54
C TRP A 207 -17.39 8.97 -0.34
N LEU A 208 -17.60 9.94 0.54
CA LEU A 208 -18.91 10.59 0.60
C LEU A 208 -19.23 11.26 -0.73
N TYR A 209 -18.24 11.90 -1.36
CA TYR A 209 -18.48 12.46 -2.68
C TYR A 209 -18.78 11.38 -3.70
N ALA A 210 -18.04 10.26 -3.64
CA ALA A 210 -18.35 9.13 -4.52
C ALA A 210 -19.80 8.72 -4.38
N ALA A 211 -20.30 8.63 -3.15
CA ALA A 211 -21.68 8.26 -2.91
C ALA A 211 -22.64 9.24 -3.58
N VAL A 212 -22.35 10.54 -3.52
CA VAL A 212 -23.21 11.55 -4.15
C VAL A 212 -23.14 11.42 -5.67
N ILE A 213 -21.94 11.24 -6.21
CA ILE A 213 -21.79 11.02 -7.65
C ILE A 213 -22.66 9.85 -8.10
N ASN A 214 -22.76 8.83 -7.27
CA ASN A 214 -23.52 7.64 -7.64
C ASN A 214 -24.99 7.71 -7.25
N GLY A 215 -25.47 8.83 -6.69
CA GLY A 215 -26.89 9.06 -6.48
C GLY A 215 -27.38 9.01 -5.03
N ASP A 216 -26.49 8.67 -4.08
CA ASP A 216 -26.72 8.69 -2.64
C ASP A 216 -26.68 10.12 -2.11
N ARG A 217 -27.74 10.59 -1.46
CA ARG A 217 -27.68 11.92 -0.88
C ARG A 217 -28.22 11.97 0.55
N TRP A 218 -28.57 10.82 1.15
CA TRP A 218 -29.39 10.83 2.36
C TRP A 218 -28.68 11.47 3.53
N PHE A 219 -27.36 11.48 3.50
CA PHE A 219 -26.53 11.87 4.62
C PHE A 219 -26.17 13.35 4.61
N LEU A 220 -26.52 14.07 3.56
CA LEU A 220 -26.22 15.49 3.50
C LEU A 220 -27.13 16.25 4.47
N ASN A 221 -26.79 17.51 4.73
CA ASN A 221 -27.64 18.35 5.55
C ASN A 221 -27.47 19.79 5.09
N ARG A 222 -28.23 20.68 5.72
CA ARG A 222 -28.19 22.09 5.33
C ARG A 222 -27.21 22.88 6.18
N PHE A 223 -26.41 22.22 6.99
CA PHE A 223 -25.47 22.93 7.83
C PHE A 223 -24.14 23.11 7.12
N THR A 224 -23.33 24.01 7.65
CA THR A 224 -21.92 24.07 7.30
C THR A 224 -21.10 24.12 8.57
N THR A 225 -19.79 24.07 8.41
CA THR A 225 -18.90 24.15 9.55
C THR A 225 -17.65 24.90 9.11
N THR A 226 -16.95 25.49 10.08
CA THR A 226 -15.62 25.99 9.81
C THR A 226 -14.64 24.83 9.84
N LEU A 227 -13.52 25.01 9.14
CA LEU A 227 -12.47 24.00 9.17
C LEU A 227 -12.01 23.75 10.61
N ASN A 228 -11.84 24.83 11.39
CA ASN A 228 -11.46 24.71 12.78
C ASN A 228 -12.47 23.87 13.55
N ASP A 229 -13.75 24.20 13.41
CA ASP A 229 -14.78 23.51 14.18
C ASP A 229 -14.94 22.06 13.74
N PHE A 230 -14.79 21.79 12.44
CA PHE A 230 -14.77 20.40 12.01
C PHE A 230 -13.66 19.63 12.69
N ASN A 231 -12.48 20.23 12.75
CA ASN A 231 -11.32 19.50 13.25
C ASN A 231 -11.45 19.21 14.75
N LEU A 232 -12.15 20.08 15.48
CA LEU A 232 -12.43 19.81 16.89
C LEU A 232 -13.29 18.56 17.05
N VAL A 233 -14.20 18.31 16.12
CA VAL A 233 -15.04 17.11 16.23
C VAL A 233 -14.29 15.89 15.72
N ALA A 234 -13.50 16.06 14.65
CA ALA A 234 -12.72 14.95 14.09
C ALA A 234 -11.80 14.36 15.14
N MET A 235 -11.06 15.21 15.84
CA MET A 235 -10.15 14.76 16.88
C MET A 235 -10.86 13.86 17.89
N LYS A 236 -12.05 14.26 18.31
CA LYS A 236 -12.83 13.47 19.27
C LYS A 236 -13.12 12.07 18.76
N TYR A 237 -13.19 11.89 17.44
CA TYR A 237 -13.55 10.59 16.87
C TYR A 237 -12.36 9.87 16.25
N ASN A 238 -11.13 10.29 16.59
CA ASN A 238 -9.91 9.64 16.11
C ASN A 238 -9.72 9.81 14.61
N TYR A 239 -10.27 10.87 14.05
CA TYR A 239 -10.01 11.21 12.65
C TYR A 239 -8.79 12.10 12.59
N GLU A 240 -7.98 11.95 11.55
CA GLU A 240 -6.85 12.84 11.55
C GLU A 240 -7.27 14.21 11.04
N PRO A 241 -6.50 15.25 11.36
CA PRO A 241 -6.93 16.61 11.02
C PRO A 241 -7.04 16.81 9.51
N LEU A 242 -8.09 17.50 9.11
CA LEU A 242 -8.25 17.94 7.73
C LEU A 242 -7.51 19.25 7.54
N THR A 243 -6.61 19.27 6.57
CA THR A 243 -5.86 20.48 6.27
C THR A 243 -6.49 21.22 5.10
N GLN A 244 -6.12 22.50 5.00
CA GLN A 244 -6.52 23.28 3.83
C GLN A 244 -6.05 22.63 2.55
N ASP A 245 -4.90 21.95 2.59
CA ASP A 245 -4.42 21.27 1.41
C ASP A 245 -5.30 20.07 1.09
N HIS A 246 -5.79 19.36 2.12
CA HIS A 246 -6.83 18.36 1.90
C HIS A 246 -8.05 18.98 1.24
N VAL A 247 -8.46 20.16 1.72
CA VAL A 247 -9.61 20.85 1.14
C VAL A 247 -9.37 21.12 -0.34
N ASP A 248 -8.17 21.62 -0.67
CA ASP A 248 -7.85 21.94 -2.06
C ASP A 248 -7.93 20.69 -2.94
N ILE A 249 -7.41 19.56 -2.47
CA ILE A 249 -7.45 18.31 -3.22
C ILE A 249 -8.89 17.91 -3.52
N LEU A 250 -9.80 18.14 -2.58
CA LEU A 250 -11.21 17.80 -2.77
C LEU A 250 -11.95 18.78 -3.68
N GLY A 251 -11.28 19.80 -4.20
CA GLY A 251 -11.89 20.78 -5.08
C GLY A 251 -12.61 20.19 -6.28
N PRO A 252 -11.92 19.36 -7.08
CA PRO A 252 -12.58 18.79 -8.26
C PRO A 252 -13.85 18.02 -7.95
N LEU A 253 -13.85 17.25 -6.86
CA LEU A 253 -15.06 16.52 -6.48
C LEU A 253 -16.14 17.46 -6.00
N SER A 254 -15.75 18.47 -5.22
CA SER A 254 -16.67 19.52 -4.82
C SER A 254 -17.35 20.14 -6.03
N ALA A 255 -16.56 20.51 -7.05
CA ALA A 255 -17.12 21.21 -8.19
C ALA A 255 -18.04 20.30 -9.00
N GLN A 256 -17.68 19.01 -9.13
CA GLN A 256 -18.50 18.09 -9.92
C GLN A 256 -19.86 17.87 -9.27
N THR A 257 -19.95 17.93 -7.94
CA THR A 257 -21.19 17.64 -7.25
C THR A 257 -21.94 18.89 -6.77
N GLY A 258 -21.28 20.05 -6.72
CA GLY A 258 -21.94 21.26 -6.25
C GLY A 258 -22.02 21.37 -4.75
N ILE A 259 -21.27 20.56 -4.02
CA ILE A 259 -21.28 20.49 -2.57
C ILE A 259 -19.95 21.03 -2.07
N ALA A 260 -19.98 22.20 -1.43
CA ALA A 260 -18.77 22.75 -0.84
C ALA A 260 -18.12 21.73 0.10
N VAL A 261 -16.79 21.68 0.08
CA VAL A 261 -16.05 20.77 0.96
C VAL A 261 -16.49 20.93 2.41
N LEU A 262 -16.57 22.17 2.89
CA LEU A 262 -16.98 22.41 4.26
C LEU A 262 -18.41 21.99 4.52
N ASP A 263 -19.27 22.01 3.49
CA ASP A 263 -20.60 21.44 3.68
C ASP A 263 -20.56 19.92 3.79
N MET A 264 -19.70 19.27 3.00
CA MET A 264 -19.55 17.84 3.17
C MET A 264 -18.93 17.52 4.52
N CYS A 265 -18.10 18.44 5.05
CA CYS A 265 -17.57 18.26 6.40
C CYS A 265 -18.69 18.31 7.44
N ALA A 266 -19.66 19.21 7.26
CA ALA A 266 -20.80 19.25 8.17
C ALA A 266 -21.62 17.96 8.08
N SER A 267 -21.72 17.37 6.88
CA SER A 267 -22.40 16.08 6.77
C SER A 267 -21.61 15.00 7.50
N LEU A 268 -20.28 14.96 7.31
CA LEU A 268 -19.44 14.00 8.04
C LEU A 268 -19.57 14.20 9.55
N LYS A 269 -19.43 15.44 10.03
CA LYS A 269 -19.69 15.76 11.43
C LYS A 269 -20.95 15.07 11.95
N GLU A 270 -22.06 15.25 11.24
CA GLU A 270 -23.33 14.68 11.69
C GLU A 270 -23.28 13.16 11.68
N LEU A 271 -22.61 12.57 10.69
CA LEU A 271 -22.51 11.11 10.65
C LEU A 271 -21.67 10.60 11.81
N LEU A 272 -20.66 11.37 12.22
CA LEU A 272 -19.85 10.98 13.36
C LEU A 272 -20.65 11.08 14.66
N GLN A 273 -21.47 12.13 14.79
CA GLN A 273 -22.17 12.37 16.05
C GLN A 273 -23.41 11.49 16.19
N ASN A 274 -24.04 11.12 15.07
CA ASN A 274 -25.30 10.40 15.10
C ASN A 274 -25.20 8.96 14.64
N GLY A 275 -24.09 8.56 14.04
CA GLY A 275 -24.03 7.25 13.43
C GLY A 275 -24.88 7.25 12.16
N MET A 276 -25.03 6.06 11.59
CA MET A 276 -25.72 5.93 10.31
C MET A 276 -27.15 5.40 10.47
N ASN A 277 -27.57 5.08 11.70
CA ASN A 277 -28.97 4.80 12.00
C ASN A 277 -29.49 3.63 11.18
N GLY A 278 -28.68 2.57 11.07
CA GLY A 278 -29.07 1.41 10.31
C GLY A 278 -29.04 1.58 8.80
N ARG A 279 -28.44 2.66 8.31
CA ARG A 279 -28.38 2.94 6.89
C ARG A 279 -26.99 2.60 6.36
N THR A 280 -26.86 2.55 5.04
CA THR A 280 -25.57 2.25 4.42
C THR A 280 -25.21 3.31 3.40
N ILE A 281 -23.91 3.42 3.14
CA ILE A 281 -23.39 4.28 2.09
C ILE A 281 -22.51 3.44 1.19
N LEU A 282 -22.83 3.40 -0.10
CA LEU A 282 -22.07 2.60 -1.06
C LEU A 282 -21.86 1.17 -0.54
N GLY A 283 -22.92 0.60 0.02
CA GLY A 283 -22.88 -0.77 0.50
C GLY A 283 -22.08 -1.01 1.76
N SER A 284 -21.74 0.03 2.52
CA SER A 284 -20.97 -0.10 3.74
C SER A 284 -21.74 0.50 4.91
N ALA A 285 -21.70 -0.20 6.04
CA ALA A 285 -22.24 0.33 7.29
C ALA A 285 -21.17 1.03 8.15
N LEU A 286 -19.94 1.13 7.64
CA LEU A 286 -18.88 1.91 8.27
C LEU A 286 -18.49 3.05 7.34
N LEU A 287 -17.88 4.10 7.89
CA LEU A 287 -17.34 5.17 7.07
C LEU A 287 -16.00 4.72 6.49
N GLU A 288 -15.93 4.60 5.17
CA GLU A 288 -14.80 4.00 4.48
C GLU A 288 -13.69 5.02 4.21
N ASP A 289 -12.44 4.67 4.49
CA ASP A 289 -11.37 5.65 4.36
C ASP A 289 -10.22 5.18 3.48
N GLU A 290 -10.41 4.14 2.67
CA GLU A 290 -9.34 3.64 1.82
C GLU A 290 -9.58 3.92 0.35
N PHE A 291 -10.33 5.00 0.05
CA PHE A 291 -10.36 5.57 -1.29
C PHE A 291 -9.85 7.00 -1.23
N THR A 292 -8.85 7.33 -2.06
CA THR A 292 -8.38 8.71 -2.13
C THR A 292 -9.28 9.52 -3.05
N PRO A 293 -9.18 10.85 -2.99
CA PRO A 293 -9.86 11.68 -4.00
C PRO A 293 -9.51 11.27 -5.40
N PHE A 294 -8.25 10.89 -5.64
CA PHE A 294 -7.87 10.43 -6.98
C PHE A 294 -8.58 9.14 -7.32
N ASP A 295 -8.68 8.21 -6.36
CA ASP A 295 -9.36 6.94 -6.62
C ASP A 295 -10.80 7.14 -7.03
N VAL A 296 -11.47 8.12 -6.43
CA VAL A 296 -12.88 8.33 -6.73
C VAL A 296 -13.02 8.89 -8.13
N VAL A 297 -12.20 9.89 -8.48
CA VAL A 297 -12.25 10.45 -9.83
C VAL A 297 -11.92 9.37 -10.86
N ARG A 298 -10.97 8.50 -10.54
CA ARG A 298 -10.57 7.46 -11.48
C ARG A 298 -11.72 6.50 -11.75
N GLN A 299 -12.46 6.11 -10.71
CA GLN A 299 -13.49 5.08 -10.84
C GLN A 299 -14.84 5.66 -11.28
N CYS A 300 -15.19 6.85 -10.78
CA CYS A 300 -16.48 7.41 -11.16
C CYS A 300 -16.45 8.07 -12.53
N SER A 301 -15.26 8.27 -13.11
CA SER A 301 -15.08 8.86 -14.44
C SER A 301 -14.39 7.93 -15.44
N GLY A 302 -13.53 7.02 -15.00
CA GLY A 302 -13.19 5.88 -15.85
C GLY A 302 -11.85 5.87 -16.56
N VAL A 303 -10.80 6.34 -15.87
CA VAL A 303 -9.47 6.42 -16.47
C VAL A 303 -8.94 5.01 -16.70
N THR A 304 -8.39 4.77 -17.90
CA THR A 304 -7.72 3.52 -18.24
C THR A 304 -6.21 3.70 -18.19
N PHE A 305 -5.48 2.65 -18.60
CA PHE A 305 -4.02 2.61 -18.56
C PHE A 305 -3.50 1.71 -19.66
N GLN A 306 -2.59 2.23 -20.48
CA GLN A 306 -1.90 1.40 -21.47
C GLN A 306 -0.39 1.41 -21.19
C21 P6S B 1 8.01 -8.52 15.29
C22 P6S B 1 7.61 -9.03 16.65
C24 P6S B 1 6.31 -8.84 18.67
C26 P6S B 1 7.84 -10.64 18.45
C19 P6S B 1 7.49 -10.37 13.85
C23 P6S B 1 6.67 -8.37 17.40
C25 P6S B 1 6.89 -9.97 19.18
C27 P6S B 1 8.20 -10.18 17.19
O20 P6S B 1 7.18 -9.12 14.24
O28 P6S B 1 8.38 -11.05 14.34
N ZU0 B 2 6.70 -10.76 12.83
CA ZU0 B 2 6.85 -12.04 12.16
C ZU0 B 2 7.31 -11.82 10.71
O ZU0 B 2 6.61 -11.21 9.92
CB ZU0 B 2 5.55 -12.83 12.20
O3 ZU0 B 2 5.40 -13.45 13.50
C4 ZU0 B 2 5.59 -13.94 11.14
C5 ZU0 B 2 4.17 -13.23 14.25
C6 ZU0 B 2 4.27 -14.14 15.46
C7 ZU0 B 2 2.94 -13.59 13.43
C8 ZU0 B 2 4.10 -11.77 14.67
N PHE B 3 8.48 -12.36 10.38
CA PHE B 3 8.99 -12.19 9.03
C PHE B 3 8.02 -12.78 8.02
C26 ZV7 B 4 5.42 -12.19 6.11
C28 ZV7 B 4 3.22 -12.45 6.88
C27 ZV7 B 4 4.58 -13.10 6.94
C29 ZV7 B 4 7.28 -13.37 5.03
C30 ZV7 B 4 8.74 -13.73 4.88
N2 ZV7 B 4 7.74 -12.00 6.97
N4 ZV7 B 4 6.86 -12.54 6.04
O6 ZV7 B 4 3.08 -11.28 6.49
O7 ZV7 B 4 6.44 -13.81 4.26
CL1 ZV7 B 4 8.93 -15.43 5.23
N NH2 B 5 2.19 -13.21 7.27
#